data_2CNV
#
_entry.id   2CNV
#
_cell.length_a   60.850
_cell.length_b   62.750
_cell.length_c   77.700
_cell.angle_alpha   90.00
_cell.angle_beta   90.00
_cell.angle_gamma   90.00
#
_symmetry.space_group_name_H-M   'P 21 21 21'
#
loop_
_entity.id
_entity.type
_entity.pdbx_description
1 polymer 'PHOSPHORIBOSYLAMINOIMIDAZOLE-SUCCINOCARBOXAMIDE SYNTHASE'
2 non-polymer 'ASPARTIC ACID'
3 non-polymer 'N-{[5-AMINO-1-(5-O-PHOSPHONO-BETA-D-ARABINOFURANOSYL)-1H-IMIDAZOL-4-YL]CARBONYL}-L-ASPARTIC ACID'
4 non-polymer 'SULFATE ION'
5 water water
#
_entity_poly.entity_id   1
_entity_poly.type   'polypeptide(L)'
_entity_poly.pdbx_seq_one_letter_code
;(ACE)SITKTELDGILPLVARGKVRDIYEVDAGTLLFVATDRISAYDVIMENSIPEKGILLTKLSEFWFKFLSNDVRNHL
VDIAPGKTIFDYLPAKLSEPKYKTQLEDRSLLVHKHKLIPLEVIVRGYITGSAWKEYVKTGTVHGLKQPQGLKESQEFPE
PIFTPSTKAEQGEHDENISPAQAAELVGEDLSRRVAELAVKLYSKCKDYAKEKGIIIADTKFEFGIDEKTNEIILVDEVL
TPDSSRFWNGASYKVGESQDSYDKQFLRDWLTANKLNGVNGVKMPQDIVDRTRAKYIEAYETLTGSKWSH
;
_entity_poly.pdbx_strand_id   A
#
loop_
_chem_comp.id
_chem_comp.type
_chem_comp.name
_chem_comp.formula
ACE non-polymer 'ACETYL GROUP' 'C2 H4 O'
SO4 non-polymer 'SULFATE ION' 'O4 S -2'
SSS non-polymer 'N-{[5-AMINO-1-(5-O-PHOSPHONO-BETA-D-ARABINOFURANOSYL)-1H-IMIDAZOL-4-YL]CARBONYL}-L-ASPARTIC ACID' 'C13 H19 N4 O12 P'
#
# COMPACT_ATOMS: atom_id res chain seq x y z
C ACE A 1 -19.97 1.29 -7.64
O ACE A 1 -19.31 2.31 -7.79
CH3 ACE A 1 -21.46 1.27 -7.80
N SER A 2 -19.40 0.08 -7.65
CA SER A 2 -17.97 -0.07 -7.62
C SER A 2 -17.33 0.44 -8.92
N ILE A 3 -16.10 0.96 -8.80
CA ILE A 3 -15.30 1.35 -9.95
C ILE A 3 -14.25 0.26 -10.15
N THR A 4 -14.41 -0.53 -11.22
CA THR A 4 -13.50 -1.61 -11.49
C THR A 4 -12.35 -1.18 -12.41
N LYS A 5 -12.70 -0.52 -13.51
CA LYS A 5 -11.70 -0.06 -14.47
C LYS A 5 -12.09 1.31 -14.97
N THR A 6 -11.18 2.28 -14.83
CA THR A 6 -11.51 3.64 -15.24
C THR A 6 -11.45 3.76 -16.77
N GLU A 7 -12.42 4.48 -17.32
CA GLU A 7 -12.51 4.68 -18.75
C GLU A 7 -12.67 6.18 -19.01
N LEU A 8 -11.57 6.83 -19.38
CA LEU A 8 -11.55 8.28 -19.50
C LEU A 8 -11.54 8.72 -20.96
N ASP A 9 -11.68 7.76 -21.86
CA ASP A 9 -11.89 8.05 -23.28
C ASP A 9 -10.82 8.95 -23.86
N GLY A 10 -9.58 8.77 -23.40
CA GLY A 10 -8.44 9.50 -23.91
C GLY A 10 -8.27 10.94 -23.44
N ILE A 11 -9.17 11.40 -22.56
CA ILE A 11 -9.10 12.78 -22.04
C ILE A 11 -7.76 13.06 -21.36
N LEU A 12 -7.26 12.06 -20.63
CA LEU A 12 -5.87 12.02 -20.16
C LEU A 12 -5.24 10.70 -20.63
N PRO A 13 -3.94 10.73 -20.98
CA PRO A 13 -3.29 9.47 -21.38
C PRO A 13 -2.99 8.58 -20.17
N LEU A 14 -3.14 7.28 -20.36
CA LEU A 14 -2.86 6.31 -19.30
C LEU A 14 -1.36 6.08 -19.22
N VAL A 15 -0.83 6.10 -18.01
CA VAL A 15 0.58 5.78 -17.79
C VAL A 15 0.70 4.28 -17.50
N ALA A 16 -0.16 3.79 -16.61
CA ALA A 16 -0.10 2.40 -16.19
C ALA A 16 -1.41 1.97 -15.56
N ARG A 17 -1.71 0.68 -15.66
CA ARG A 17 -2.72 0.06 -14.82
C ARG A 17 -2.07 -1.03 -14.00
N GLY A 18 -2.03 -0.83 -12.68
CA GLY A 18 -1.51 -1.85 -11.78
C GLY A 18 -2.62 -2.82 -11.41
N LYS A 19 -2.37 -3.66 -10.40
CA LYS A 19 -3.40 -4.55 -9.85
C LYS A 19 -4.66 -3.76 -9.44
N VAL A 20 -4.44 -2.60 -8.83
CA VAL A 20 -5.52 -1.82 -8.19
C VAL A 20 -5.58 -0.35 -8.65
N ARG A 21 -4.42 0.23 -8.99
CA ARG A 21 -4.37 1.65 -9.36
C ARG A 21 -4.29 1.88 -10.87
N ASP A 22 -5.08 2.85 -11.35
CA ASP A 22 -4.91 3.40 -12.70
C ASP A 22 -4.16 4.72 -12.57
N ILE A 23 -3.09 4.90 -13.34
CA ILE A 23 -2.33 6.15 -13.29
C ILE A 23 -2.42 6.88 -14.63
N TYR A 24 -2.77 8.16 -14.57
CA TYR A 24 -2.86 9.01 -15.75
C TYR A 24 -1.88 10.16 -15.65
N GLU A 25 -1.45 10.65 -16.81
CA GLU A 25 -0.57 11.80 -16.91
C GLU A 25 -1.42 13.04 -17.09
N VAL A 26 -1.27 13.98 -16.18
CA VAL A 26 -2.04 15.22 -16.21
C VAL A 26 -1.31 16.25 -17.06
N ASP A 27 0.00 16.34 -16.84
CA ASP A 27 0.86 17.25 -17.59
C ASP A 27 2.31 16.82 -17.43
N ALA A 28 3.25 17.65 -17.89
CA ALA A 28 4.67 17.31 -17.84
C ALA A 28 5.20 16.99 -16.43
N GLY A 29 4.58 17.55 -15.40
CA GLY A 29 5.10 17.34 -14.04
C GLY A 29 4.18 16.67 -13.03
N THR A 30 3.01 16.23 -13.52
CA THR A 30 1.90 15.83 -12.65
C THR A 30 1.22 14.54 -13.12
N LEU A 31 0.88 13.68 -12.15
CA LEU A 31 0.16 12.45 -12.38
C LEU A 31 -1.15 12.43 -11.61
N LEU A 32 -2.06 11.56 -12.04
CA LEU A 32 -3.31 11.32 -11.34
C LEU A 32 -3.36 9.87 -10.95
N PHE A 33 -3.39 9.61 -9.64
CA PHE A 33 -3.41 8.25 -9.11
C PHE A 33 -4.85 7.93 -8.75
N VAL A 34 -5.46 6.99 -9.48
CA VAL A 34 -6.84 6.60 -9.22
C VAL A 34 -6.87 5.20 -8.62
N ALA A 35 -7.32 5.10 -7.38
CA ALA A 35 -7.48 3.80 -6.74
C ALA A 35 -8.84 3.22 -7.09
N THR A 36 -8.84 2.14 -7.84
CA THR A 36 -10.08 1.44 -8.17
C THR A 36 -10.48 0.54 -7.00
N ASP A 37 -11.61 -0.16 -7.16
CA ASP A 37 -12.14 -1.05 -6.16
C ASP A 37 -11.73 -2.50 -6.43
N ARG A 38 -10.81 -2.69 -7.38
CA ARG A 38 -10.22 -3.99 -7.65
C ARG A 38 -9.53 -4.53 -6.40
N ILE A 39 -9.55 -5.85 -6.25
CA ILE A 39 -8.88 -6.53 -5.14
C ILE A 39 -8.11 -7.75 -5.66
N SER A 40 -6.94 -8.01 -5.08
CA SER A 40 -6.13 -9.16 -5.47
C SER A 40 -6.01 -10.15 -4.31
N ALA A 41 -5.86 -11.43 -4.66
CA ALA A 41 -5.58 -12.48 -3.67
C ALA A 41 -4.73 -13.53 -4.37
N TYR A 42 -3.73 -14.06 -3.68
CA TYR A 42 -2.83 -15.05 -4.30
C TYR A 42 -2.28 -14.57 -5.65
N ASP A 43 -1.88 -13.30 -5.69
CA ASP A 43 -1.32 -12.64 -6.88
C ASP A 43 -2.17 -12.53 -8.15
N VAL A 44 -3.48 -12.71 -8.03
CA VAL A 44 -4.38 -12.42 -9.15
C VAL A 44 -5.53 -11.52 -8.70
N ILE A 45 -5.93 -10.59 -9.57
CA ILE A 45 -7.11 -9.78 -9.28
C ILE A 45 -8.40 -10.57 -9.49
N MET A 46 -9.39 -10.26 -8.66
CA MET A 46 -10.71 -10.84 -8.79
C MET A 46 -11.41 -10.19 -9.99
N GLU A 47 -12.42 -10.87 -10.51
CA GLU A 47 -13.20 -10.37 -11.65
C GLU A 47 -14.05 -9.15 -11.28
N ASN A 48 -14.73 -9.23 -10.15
CA ASN A 48 -15.54 -8.11 -9.67
C ASN A 48 -14.80 -7.37 -8.53
N SER A 49 -15.40 -6.32 -8.01
CA SER A 49 -14.68 -5.42 -7.13
C SER A 49 -15.38 -5.24 -5.79
N ILE A 50 -14.70 -4.55 -4.88
CA ILE A 50 -15.23 -4.23 -3.56
C ILE A 50 -15.66 -2.75 -3.56
N PRO A 51 -16.97 -2.48 -3.57
CA PRO A 51 -17.46 -1.11 -3.70
C PRO A 51 -16.85 -0.17 -2.68
N GLU A 52 -16.28 0.94 -3.17
CA GLU A 52 -15.67 2.00 -2.33
C GLU A 52 -14.36 1.66 -1.63
N LYS A 53 -13.85 0.43 -1.80
CA LYS A 53 -12.50 0.06 -1.34
C LYS A 53 -11.45 1.12 -1.69
N GLY A 54 -11.45 1.59 -2.95
CA GLY A 54 -10.45 2.57 -3.41
C GLY A 54 -10.61 3.96 -2.81
N ILE A 55 -11.84 4.32 -2.45
CA ILE A 55 -12.09 5.55 -1.70
C ILE A 55 -11.54 5.40 -0.29
N LEU A 56 -11.87 4.29 0.36
CA LEU A 56 -11.38 4.00 1.73
C LEU A 56 -9.86 3.97 1.81
N LEU A 57 -9.22 3.32 0.85
CA LEU A 57 -7.74 3.24 0.85
C LEU A 57 -7.09 4.54 0.43
N THR A 58 -7.76 5.30 -0.44
CA THR A 58 -7.26 6.63 -0.78
C THR A 58 -7.24 7.50 0.48
N LYS A 59 -8.38 7.54 1.17
CA LYS A 59 -8.49 8.32 2.40
C LYS A 59 -7.54 7.86 3.50
N LEU A 60 -7.33 6.54 3.59
CA LEU A 60 -6.36 5.99 4.57
C LEU A 60 -4.94 6.44 4.26
N SER A 61 -4.57 6.37 2.99
CA SER A 61 -3.26 6.85 2.54
C SER A 61 -3.10 8.34 2.85
N GLU A 62 -4.12 9.14 2.53
CA GLU A 62 -4.11 10.57 2.85
C GLU A 62 -3.91 10.84 4.34
N PHE A 63 -4.60 10.03 5.17
CA PHE A 63 -4.42 10.09 6.62
C PHE A 63 -2.97 9.89 7.05
N TRP A 64 -2.31 8.89 6.47
CA TRP A 64 -0.92 8.58 6.85
C TRP A 64 0.03 9.68 6.35
N PHE A 65 -0.21 10.22 5.16
CA PHE A 65 0.59 11.32 4.62
C PHE A 65 0.59 12.51 5.59
N LYS A 66 -0.59 12.84 6.11
CA LYS A 66 -0.78 13.92 7.08
C LYS A 66 -0.13 13.58 8.43
N PHE A 67 -0.37 12.36 8.90
CA PHE A 67 0.25 11.84 10.13
C PHE A 67 1.77 11.97 10.10
N LEU A 68 2.35 11.79 8.92
CA LEU A 68 3.80 11.83 8.74
C LEU A 68 4.34 13.13 8.15
N SER A 69 3.48 14.14 8.02
CA SER A 69 3.84 15.36 7.26
C SER A 69 5.03 16.11 7.86
N ASN A 70 5.25 15.94 9.15
CA ASN A 70 6.39 16.57 9.83
C ASN A 70 7.58 15.64 9.93
N ASP A 71 7.46 14.43 9.38
CA ASP A 71 8.52 13.43 9.36
C ASP A 71 9.13 13.29 7.96
N VAL A 72 8.32 13.51 6.94
CA VAL A 72 8.76 13.28 5.56
C VAL A 72 7.94 14.11 4.59
N ARG A 73 8.60 14.61 3.56
CA ARG A 73 7.96 15.29 2.45
C ARG A 73 7.26 14.23 1.58
N ASN A 74 6.16 14.61 0.93
CA ASN A 74 5.42 13.67 0.09
C ASN A 74 5.11 14.27 -1.28
N HIS A 75 4.59 13.46 -2.19
CA HIS A 75 4.40 13.90 -3.58
C HIS A 75 3.05 14.56 -3.87
N LEU A 76 2.22 14.73 -2.85
CA LEU A 76 0.86 15.24 -3.06
C LEU A 76 0.88 16.69 -3.51
N VAL A 77 0.10 16.99 -4.56
CA VAL A 77 -0.09 18.37 -5.00
C VAL A 77 -1.05 19.05 -4.02
N ASP A 78 -0.72 20.26 -3.59
CA ASP A 78 -1.56 21.02 -2.67
C ASP A 78 -2.79 21.56 -3.39
N ILE A 79 -3.97 21.15 -2.92
CA ILE A 79 -5.22 21.64 -3.49
C ILE A 79 -5.62 22.90 -2.72
N ALA A 80 -5.74 24.02 -3.43
CA ALA A 80 -6.16 25.29 -2.84
C ALA A 80 -7.49 25.15 -2.08
N PRO A 81 -7.71 26.00 -1.04
CA PRO A 81 -8.94 25.86 -0.26
C PRO A 81 -10.14 26.27 -1.10
N GLY A 82 -11.26 25.59 -0.90
CA GLY A 82 -12.45 25.83 -1.69
C GLY A 82 -12.36 25.29 -3.10
N LYS A 83 -11.24 24.62 -3.40
CA LYS A 83 -11.05 23.95 -4.69
CA LYS A 83 -11.05 23.95 -4.68
C LYS A 83 -11.02 22.43 -4.49
N THR A 84 -11.16 21.69 -5.59
CA THR A 84 -11.04 20.23 -5.55
C THR A 84 -10.06 19.79 -6.62
N ILE A 85 -9.74 18.51 -6.63
CA ILE A 85 -8.91 17.94 -7.68
C ILE A 85 -9.48 18.27 -9.07
N PHE A 86 -10.80 18.34 -9.19
CA PHE A 86 -11.41 18.60 -10.50
C PHE A 86 -11.05 19.96 -11.07
N ASP A 87 -10.75 20.91 -10.20
CA ASP A 87 -10.30 22.23 -10.64
C ASP A 87 -8.91 22.17 -11.30
N TYR A 88 -8.16 21.10 -11.01
CA TYR A 88 -6.81 20.88 -11.53
C TYR A 88 -6.76 19.90 -12.69
N LEU A 89 -7.95 19.49 -13.17
CA LEU A 89 -8.06 18.54 -14.27
C LEU A 89 -8.78 19.20 -15.45
N PRO A 90 -8.58 18.64 -16.67
CA PRO A 90 -9.38 19.12 -17.80
C PRO A 90 -10.86 19.19 -17.43
N ALA A 91 -11.56 20.21 -17.94
CA ALA A 91 -12.97 20.44 -17.64
C ALA A 91 -13.86 19.21 -17.91
N LYS A 92 -13.55 18.45 -18.96
CA LYS A 92 -14.35 17.26 -19.30
C LYS A 92 -14.47 16.24 -18.17
N LEU A 93 -13.43 16.13 -17.35
CA LEU A 93 -13.41 15.14 -16.26
C LEU A 93 -14.38 15.45 -15.12
N SER A 94 -14.92 16.67 -15.11
CA SER A 94 -15.99 17.06 -14.19
C SER A 94 -17.37 16.63 -14.65
N GLU A 95 -17.52 16.25 -15.92
CA GLU A 95 -18.78 15.70 -16.43
C GLU A 95 -19.11 14.40 -15.68
N PRO A 96 -20.40 14.17 -15.34
CA PRO A 96 -20.84 13.05 -14.52
C PRO A 96 -20.26 11.67 -14.90
N LYS A 97 -20.18 11.38 -16.20
CA LYS A 97 -19.61 10.11 -16.70
C LYS A 97 -18.20 9.82 -16.16
N TYR A 98 -17.41 10.89 -16.04
CA TYR A 98 -16.03 10.77 -15.60
C TYR A 98 -15.86 11.07 -14.11
N LYS A 99 -16.60 12.06 -13.61
CA LYS A 99 -16.49 12.42 -12.20
C LYS A 99 -16.87 11.26 -11.26
N THR A 100 -17.86 10.44 -11.65
CA THR A 100 -18.23 9.27 -10.84
C THR A 100 -17.08 8.27 -10.71
N GLN A 101 -16.24 8.19 -11.73
CA GLN A 101 -15.13 7.23 -11.76
C GLN A 101 -13.91 7.70 -10.98
N LEU A 102 -13.90 8.99 -10.64
CA LEU A 102 -12.70 9.65 -10.11
C LEU A 102 -12.86 10.22 -8.72
N GLU A 103 -14.06 10.72 -8.40
CA GLU A 103 -14.23 11.46 -7.14
C GLU A 103 -13.96 10.58 -5.91
N ASP A 104 -13.25 11.18 -4.95
CA ASP A 104 -12.94 10.57 -3.64
C ASP A 104 -11.92 9.41 -3.66
N ARG A 105 -11.47 9.02 -4.85
CA ARG A 105 -10.51 7.92 -4.98
C ARG A 105 -9.26 8.33 -5.78
N SER A 106 -9.12 9.62 -6.05
CA SER A 106 -8.05 10.09 -6.93
C SER A 106 -7.15 11.09 -6.22
N LEU A 107 -5.84 10.95 -6.43
CA LEU A 107 -4.87 11.89 -5.86
C LEU A 107 -4.00 12.50 -6.95
N LEU A 108 -3.88 13.83 -6.90
CA LEU A 108 -3.01 14.59 -7.80
C LEU A 108 -1.62 14.64 -7.19
N VAL A 109 -0.63 14.13 -7.92
CA VAL A 109 0.72 13.98 -7.36
C VAL A 109 1.79 14.57 -8.28
N HIS A 110 2.87 15.08 -7.69
CA HIS A 110 4.02 15.58 -8.46
C HIS A 110 4.85 14.38 -8.91
N LYS A 111 5.33 14.42 -10.16
CA LYS A 111 6.32 13.48 -10.63
C LYS A 111 7.65 13.82 -9.96
N HIS A 112 8.30 12.82 -9.39
CA HIS A 112 9.65 13.02 -8.86
C HIS A 112 10.61 12.01 -9.47
N LYS A 113 11.90 12.18 -9.20
CA LYS A 113 12.86 11.20 -9.66
C LYS A 113 12.70 9.90 -8.86
N LEU A 114 12.52 8.83 -9.61
CA LEU A 114 12.36 7.48 -9.09
C LEU A 114 13.53 7.03 -8.21
N ILE A 115 13.24 6.32 -7.14
CA ILE A 115 14.22 5.48 -6.47
C ILE A 115 13.73 4.05 -6.72
N PRO A 116 14.33 3.35 -7.71
CA PRO A 116 13.85 2.04 -8.18
C PRO A 116 14.09 0.88 -7.21
N LEU A 117 13.48 0.97 -6.03
CA LEU A 117 13.50 -0.09 -5.03
C LEU A 117 12.11 -0.20 -4.43
N GLU A 118 11.75 -1.42 -4.06
CA GLU A 118 10.62 -1.62 -3.17
C GLU A 118 11.15 -1.59 -1.75
N VAL A 119 10.84 -0.51 -1.04
CA VAL A 119 11.39 -0.27 0.28
C VAL A 119 10.49 -0.91 1.32
N ILE A 120 10.76 -2.19 1.58
CA ILE A 120 9.99 -2.99 2.50
C ILE A 120 10.64 -2.91 3.88
N VAL A 121 9.80 -2.73 4.89
CA VAL A 121 10.24 -2.79 6.28
C VAL A 121 9.40 -3.85 6.96
N ARG A 122 10.04 -4.74 7.70
CA ARG A 122 9.37 -5.84 8.39
C ARG A 122 9.58 -5.68 9.89
N GLY A 123 8.50 -5.59 10.65
CA GLY A 123 8.61 -5.56 12.11
C GLY A 123 8.47 -6.95 12.70
N TYR A 124 7.89 -7.86 11.91
CA TYR A 124 7.57 -9.20 12.35
C TYR A 124 7.97 -10.19 11.25
N ILE A 125 8.37 -11.40 11.64
CA ILE A 125 8.81 -12.38 10.63
C ILE A 125 7.61 -13.16 10.09
N THR A 126 7.30 -12.94 8.82
CA THR A 126 6.17 -13.60 8.15
C THR A 126 6.44 -13.64 6.64
N GLY A 127 5.49 -14.10 5.84
CA GLY A 127 5.61 -14.08 4.38
C GLY A 127 6.90 -14.70 3.88
N SER A 128 7.54 -14.06 2.90
CA SER A 128 8.74 -14.62 2.28
C SER A 128 9.97 -14.57 3.20
N ALA A 129 9.94 -13.72 4.22
CA ALA A 129 10.98 -13.69 5.26
C ALA A 129 10.98 -14.97 6.06
N TRP A 130 9.80 -15.36 6.54
CA TRP A 130 9.62 -16.60 7.28
C TRP A 130 10.01 -17.83 6.46
N LYS A 131 9.61 -17.85 5.19
CA LYS A 131 9.94 -18.97 4.30
C LYS A 131 11.44 -19.16 4.14
N GLU A 132 12.15 -18.07 3.87
CA GLU A 132 13.62 -18.11 3.81
C GLU A 132 14.20 -18.53 5.16
N TYR A 133 13.75 -17.88 6.24
CA TYR A 133 14.30 -18.14 7.56
C TYR A 133 14.22 -19.61 7.99
N VAL A 134 13.07 -20.24 7.73
CA VAL A 134 12.89 -21.67 7.96
C VAL A 134 13.95 -22.54 7.22
N LYS A 135 14.26 -22.18 5.98
CA LYS A 135 15.28 -22.90 5.20
C LYS A 135 16.70 -22.68 5.68
N THR A 136 17.11 -21.41 5.80
CA THR A 136 18.52 -21.06 5.97
C THR A 136 18.84 -20.15 7.16
N GLY A 137 17.82 -19.75 7.91
CA GLY A 137 18.04 -18.87 9.07
C GLY A 137 18.44 -17.47 8.70
N THR A 138 18.13 -17.07 7.47
CA THR A 138 18.41 -15.72 7.00
C THR A 138 17.12 -15.07 6.51
N VAL A 139 17.16 -13.74 6.35
CA VAL A 139 16.06 -12.98 5.78
C VAL A 139 16.68 -12.00 4.79
N HIS A 140 16.33 -12.14 3.51
CA HIS A 140 16.97 -11.38 2.44
C HIS A 140 18.50 -11.49 2.53
N GLY A 141 18.98 -12.68 2.88
CA GLY A 141 20.40 -12.96 3.06
C GLY A 141 21.02 -12.43 4.35
N LEU A 142 20.27 -11.71 5.17
CA LEU A 142 20.79 -11.15 6.42
C LEU A 142 20.74 -12.20 7.53
N LYS A 143 21.81 -12.30 8.30
CA LYS A 143 21.90 -13.26 9.39
C LYS A 143 20.92 -12.88 10.50
N GLN A 144 20.16 -13.85 10.99
CA GLN A 144 19.14 -13.63 12.00
C GLN A 144 19.39 -14.46 13.26
N PRO A 145 18.85 -14.00 14.41
CA PRO A 145 18.95 -14.84 15.61
C PRO A 145 18.16 -16.14 15.43
N GLN A 146 18.67 -17.20 16.05
CA GLN A 146 18.02 -18.51 16.03
C GLN A 146 16.83 -18.51 16.99
N GLY A 147 15.86 -19.38 16.74
CA GLY A 147 14.76 -19.58 17.66
C GLY A 147 13.55 -18.69 17.44
N LEU A 148 13.57 -17.88 16.37
CA LEU A 148 12.38 -17.08 16.03
C LEU A 148 11.21 -18.00 15.65
N LYS A 149 10.01 -17.63 16.08
CA LYS A 149 8.82 -18.41 15.75
C LYS A 149 7.97 -17.63 14.76
N GLU A 150 7.11 -18.33 14.02
CA GLU A 150 6.32 -17.67 12.98
C GLU A 150 5.52 -16.49 13.57
N SER A 151 5.59 -15.36 12.88
CA SER A 151 4.89 -14.12 13.25
C SER A 151 5.52 -13.35 14.42
N GLN A 152 6.66 -13.83 14.91
CA GLN A 152 7.38 -13.16 16.01
C GLN A 152 7.90 -11.79 15.58
N GLU A 153 7.93 -10.85 16.53
CA GLU A 153 8.52 -9.54 16.31
C GLU A 153 10.04 -9.69 16.22
N PHE A 154 10.65 -9.05 15.22
CA PHE A 154 12.11 -8.89 15.18
C PHE A 154 12.53 -8.01 16.36
N PRO A 155 13.80 -8.15 16.82
CA PRO A 155 14.33 -7.25 17.84
C PRO A 155 14.13 -5.77 17.48
N GLU A 156 14.43 -5.41 16.23
CA GLU A 156 14.14 -4.09 15.67
C GLU A 156 13.57 -4.32 14.28
N PRO A 157 12.64 -3.46 13.82
CA PRO A 157 12.17 -3.54 12.44
C PRO A 157 13.33 -3.42 11.47
N ILE A 158 13.28 -4.20 10.39
CA ILE A 158 14.41 -4.26 9.45
C ILE A 158 14.06 -3.94 8.00
N PHE A 159 14.94 -3.17 7.37
CA PHE A 159 14.86 -2.83 5.96
C PHE A 159 15.24 -4.07 5.15
N THR A 160 14.29 -4.56 4.36
CA THR A 160 14.52 -5.75 3.53
C THR A 160 14.01 -5.46 2.12
N PRO A 161 14.86 -4.85 1.26
CA PRO A 161 14.37 -4.38 -0.04
C PRO A 161 14.06 -5.51 -1.01
N SER A 162 13.27 -5.20 -2.03
CA SER A 162 13.13 -6.07 -3.17
C SER A 162 13.15 -5.22 -4.45
N THR A 163 13.38 -5.89 -5.58
CA THR A 163 13.35 -5.23 -6.88
C THR A 163 12.13 -5.75 -7.62
N LYS A 164 11.44 -4.85 -8.32
CA LYS A 164 10.24 -5.19 -9.09
C LYS A 164 10.57 -5.95 -10.38
N ASP A 171 8.97 -9.67 -8.36
CA ASP A 171 9.65 -9.18 -7.17
C ASP A 171 10.67 -10.17 -6.63
N GLU A 172 11.92 -9.74 -6.55
CA GLU A 172 12.99 -10.57 -6.00
C GLU A 172 13.54 -9.91 -4.74
N ASN A 173 13.62 -10.68 -3.66
CA ASN A 173 14.15 -10.20 -2.38
C ASN A 173 15.65 -10.02 -2.47
N ILE A 174 16.12 -8.82 -2.12
CA ILE A 174 17.54 -8.48 -2.20
C ILE A 174 18.04 -7.96 -0.86
N SER A 175 19.35 -7.98 -0.68
CA SER A 175 19.94 -7.48 0.56
C SER A 175 20.08 -5.97 0.48
N PRO A 176 20.20 -5.28 1.64
CA PRO A 176 20.55 -3.86 1.65
C PRO A 176 21.82 -3.53 0.85
N ALA A 177 22.77 -4.46 0.80
CA ALA A 177 24.02 -4.24 0.06
C ALA A 177 23.74 -4.20 -1.45
N GLN A 178 22.85 -5.05 -1.92
CA GLN A 178 22.41 -5.02 -3.32
C GLN A 178 21.61 -3.74 -3.64
N ALA A 179 20.78 -3.31 -2.69
CA ALA A 179 20.09 -2.02 -2.81
C ALA A 179 21.07 -0.86 -3.00
N ALA A 180 22.19 -0.90 -2.30
CA ALA A 180 23.22 0.15 -2.41
C ALA A 180 23.90 0.10 -3.79
N GLU A 181 24.03 -1.10 -4.35
CA GLU A 181 24.59 -1.27 -5.69
C GLU A 181 23.65 -0.67 -6.72
N LEU A 182 22.36 -0.83 -6.45
CA LEU A 182 21.33 -0.43 -7.38
C LEU A 182 21.09 1.08 -7.37
N VAL A 183 21.04 1.67 -6.18
CA VAL A 183 20.67 3.09 -6.08
C VAL A 183 21.70 3.98 -5.42
N GLY A 184 22.86 3.41 -5.08
CA GLY A 184 23.92 4.19 -4.44
C GLY A 184 24.01 3.95 -2.96
N GLU A 185 25.25 3.85 -2.46
CA GLU A 185 25.53 3.51 -1.07
CA GLU A 185 25.53 3.52 -1.06
C GLU A 185 24.95 4.53 -0.07
N ASP A 186 25.17 5.82 -0.33
CA ASP A 186 24.66 6.87 0.56
C ASP A 186 23.11 6.92 0.55
N LEU A 187 22.54 6.96 -0.64
CA LEU A 187 21.09 7.01 -0.78
C LEU A 187 20.38 5.83 -0.12
N SER A 188 20.91 4.63 -0.34
CA SER A 188 20.30 3.40 0.18
C SER A 188 20.26 3.41 1.71
N ARG A 189 21.32 3.90 2.33
CA ARG A 189 21.40 4.04 3.78
C ARG A 189 20.36 5.02 4.32
N ARG A 190 20.24 6.18 3.67
CA ARG A 190 19.27 7.22 4.04
C ARG A 190 17.84 6.70 3.91
N VAL A 191 17.61 5.97 2.81
CA VAL A 191 16.33 5.36 2.53
C VAL A 191 15.95 4.35 3.63
N ALA A 192 16.88 3.43 3.93
CA ALA A 192 16.67 2.41 4.94
C ALA A 192 16.38 3.00 6.32
N GLU A 193 17.14 4.03 6.68
CA GLU A 193 16.97 4.71 7.98
C GLU A 193 15.63 5.43 8.09
N LEU A 194 15.27 6.21 7.08
CA LEU A 194 13.96 6.88 7.06
C LEU A 194 12.78 5.89 7.10
N ALA A 195 12.84 4.86 6.26
CA ALA A 195 11.77 3.83 6.20
C ALA A 195 11.48 3.19 7.56
N VAL A 196 12.54 2.76 8.25
CA VAL A 196 12.38 2.13 9.57
C VAL A 196 11.74 3.11 10.55
N LYS A 197 12.21 4.35 10.56
CA LYS A 197 11.63 5.38 11.40
C LYS A 197 10.14 5.58 11.13
N LEU A 198 9.78 5.78 9.87
CA LEU A 198 8.39 5.96 9.48
C LEU A 198 7.52 4.76 9.86
N TYR A 199 8.01 3.57 9.55
CA TYR A 199 7.33 2.33 9.92
C TYR A 199 7.10 2.21 11.45
N SER A 200 8.16 2.42 12.23
CA SER A 200 8.06 2.25 13.68
C SER A 200 7.02 3.18 14.30
N LYS A 201 6.98 4.42 13.80
CA LYS A 201 6.05 5.42 14.31
C LYS A 201 4.61 5.01 14.00
N CYS A 202 4.36 4.57 12.78
CA CYS A 202 3.01 4.20 12.36
C CYS A 202 2.55 2.89 12.98
N LYS A 203 3.47 1.93 13.05
CA LYS A 203 3.23 0.63 13.69
C LYS A 203 2.84 0.79 15.16
N ASP A 204 3.57 1.65 15.88
CA ASP A 204 3.26 1.93 17.29
C ASP A 204 1.85 2.50 17.44
N TYR A 205 1.51 3.46 16.58
CA TYR A 205 0.20 4.09 16.59
C TYR A 205 -0.92 3.11 16.21
N ALA A 206 -0.70 2.32 15.18
CA ALA A 206 -1.70 1.35 14.73
C ALA A 206 -1.98 0.30 15.79
N LYS A 207 -0.92 -0.17 16.47
CA LYS A 207 -1.03 -1.24 17.47
C LYS A 207 -1.87 -0.80 18.66
N GLU A 208 -1.71 0.47 19.03
CA GLU A 208 -2.50 1.14 20.05
C GLU A 208 -4.00 1.17 19.65
N LYS A 209 -4.28 1.29 18.36
CA LYS A 209 -5.64 1.25 17.83
C LYS A 209 -6.19 -0.17 17.63
N GLY A 210 -5.31 -1.17 17.80
CA GLY A 210 -5.74 -2.58 17.74
C GLY A 210 -5.33 -3.35 16.50
N ILE A 211 -4.54 -2.72 15.63
CA ILE A 211 -4.07 -3.38 14.40
C ILE A 211 -2.55 -3.48 14.40
N ILE A 212 -2.05 -4.69 14.19
CA ILE A 212 -0.62 -4.88 14.01
C ILE A 212 -0.29 -4.80 12.52
N ILE A 213 0.53 -3.81 12.15
CA ILE A 213 1.07 -3.74 10.79
C ILE A 213 2.40 -4.51 10.80
N ALA A 214 2.35 -5.75 10.33
CA ALA A 214 3.48 -6.70 10.41
C ALA A 214 4.67 -6.26 9.55
N ASP A 215 4.36 -5.66 8.41
CA ASP A 215 5.35 -5.16 7.47
C ASP A 215 4.65 -4.23 6.48
N THR A 216 5.42 -3.53 5.66
CA THR A 216 4.87 -2.58 4.71
C THR A 216 5.87 -2.35 3.58
N LYS A 217 5.34 -1.98 2.42
CA LYS A 217 6.14 -1.64 1.27
C LYS A 217 5.98 -0.14 0.98
N PHE A 218 7.04 0.62 1.16
CA PHE A 218 7.03 2.03 0.77
C PHE A 218 7.64 2.17 -0.61
N GLU A 219 7.25 3.23 -1.31
CA GLU A 219 8.03 3.70 -2.44
C GLU A 219 8.48 5.12 -2.13
N PHE A 220 9.75 5.39 -2.42
CA PHE A 220 10.33 6.70 -2.18
C PHE A 220 10.82 7.30 -3.48
N GLY A 221 10.82 8.62 -3.55
CA GLY A 221 11.38 9.36 -4.66
C GLY A 221 12.43 10.31 -4.12
N ILE A 222 13.07 11.05 -5.02
CA ILE A 222 14.06 12.03 -4.62
C ILE A 222 13.87 13.32 -5.43
N ASP A 223 13.84 14.44 -4.72
CA ASP A 223 13.88 15.75 -5.35
C ASP A 223 15.35 16.14 -5.36
N GLU A 224 16.02 15.92 -6.48
CA GLU A 224 17.46 16.11 -6.57
C GLU A 224 17.91 17.57 -6.64
N LYS A 225 16.97 18.47 -6.92
CA LYS A 225 17.30 19.88 -6.93
C LYS A 225 17.48 20.37 -5.51
N THR A 226 17.08 19.55 -4.54
CA THR A 226 17.18 19.91 -3.13
C THR A 226 17.67 18.70 -2.33
N ASN A 227 18.23 17.72 -3.02
CA ASN A 227 18.54 16.43 -2.40
C ASN A 227 17.69 16.21 -1.15
N GLU A 228 16.57 15.55 -1.37
CA GLU A 228 15.54 15.36 -0.35
C GLU A 228 14.70 14.15 -0.72
N ILE A 229 14.55 13.22 0.24
CA ILE A 229 13.76 12.01 0.04
C ILE A 229 12.26 12.31 0.16
N ILE A 230 11.49 11.84 -0.83
CA ILE A 230 10.06 12.10 -0.94
C ILE A 230 9.28 10.80 -0.76
N LEU A 231 8.32 10.80 0.15
CA LEU A 231 7.40 9.68 0.28
C LEU A 231 6.40 9.73 -0.89
N VAL A 232 6.41 8.69 -1.72
CA VAL A 232 5.51 8.60 -2.86
C VAL A 232 4.58 7.38 -2.70
N ASP A 233 3.90 6.97 -3.78
CA ASP A 233 2.93 5.84 -3.83
C ASP A 233 1.90 5.80 -2.68
N GLU A 234 1.20 4.67 -2.52
CA GLU A 234 0.25 4.50 -1.43
C GLU A 234 0.97 4.14 -0.14
N VAL A 235 0.38 4.52 0.97
CA VAL A 235 1.07 4.46 2.26
C VAL A 235 0.28 3.68 3.29
N LEU A 236 0.91 2.62 3.80
CA LEU A 236 0.41 1.84 4.94
C LEU A 236 -1.08 1.49 4.85
N THR A 237 -1.49 0.95 3.71
CA THR A 237 -2.85 0.42 3.54
C THR A 237 -2.80 -1.12 3.61
N PRO A 238 -3.96 -1.79 3.72
CA PRO A 238 -3.92 -3.26 3.71
C PRO A 238 -3.48 -3.86 2.38
N ASP A 239 -3.40 -3.04 1.33
CA ASP A 239 -2.84 -3.51 0.06
C ASP A 239 -1.31 -3.44 0.03
N SER A 240 -0.74 -2.41 0.66
CA SER A 240 0.73 -2.23 0.68
C SER A 240 1.42 -2.89 1.89
N SER A 241 0.63 -3.42 2.81
CA SER A 241 1.13 -3.89 4.11
C SER A 241 0.37 -5.13 4.53
N ARG A 242 0.89 -5.83 5.55
CA ARG A 242 0.17 -6.90 6.22
C ARG A 242 -0.48 -6.41 7.50
N PHE A 243 -1.82 -6.36 7.48
CA PHE A 243 -2.61 -5.98 8.64
C PHE A 243 -3.03 -7.23 9.40
N TRP A 244 -2.80 -7.23 10.72
CA TRP A 244 -3.25 -8.29 11.61
C TRP A 244 -4.09 -7.71 12.74
N ASN A 245 -5.09 -8.47 13.18
CA ASN A 245 -5.83 -8.20 14.41
C ASN A 245 -4.92 -8.35 15.63
N GLY A 246 -4.72 -7.25 16.34
CA GLY A 246 -3.77 -7.19 17.45
C GLY A 246 -4.19 -8.01 18.66
N ALA A 247 -5.50 -8.05 18.92
CA ALA A 247 -6.05 -8.79 20.06
C ALA A 247 -5.88 -10.30 19.90
N SER A 248 -5.92 -10.80 18.67
CA SER A 248 -5.82 -12.25 18.47
C SER A 248 -4.42 -12.73 18.04
N TYR A 249 -3.42 -11.88 18.27
CA TYR A 249 -2.05 -12.15 17.84
C TYR A 249 -1.46 -13.33 18.61
N LYS A 250 -0.89 -14.29 17.89
CA LYS A 250 -0.29 -15.47 18.53
C LYS A 250 0.93 -15.96 17.76
N VAL A 251 2.09 -15.86 18.38
CA VAL A 251 3.35 -16.32 17.81
C VAL A 251 3.35 -17.85 17.68
N GLY A 252 4.01 -18.36 16.64
CA GLY A 252 4.13 -19.81 16.42
C GLY A 252 3.15 -20.32 15.38
N GLU A 253 2.44 -19.39 14.75
CA GLU A 253 1.43 -19.73 13.74
C GLU A 253 1.23 -18.53 12.82
N SER A 254 0.55 -18.76 11.69
CA SER A 254 0.21 -17.68 10.78
C SER A 254 -0.96 -16.87 11.35
N GLN A 255 -1.02 -15.58 11.04
CA GLN A 255 -2.13 -14.76 11.49
C GLN A 255 -3.12 -14.65 10.35
N ASP A 256 -4.41 -14.46 10.67
CA ASP A 256 -5.39 -14.17 9.64
C ASP A 256 -5.05 -12.82 9.00
N SER A 257 -5.28 -12.70 7.70
CA SER A 257 -5.24 -11.41 7.04
C SER A 257 -6.45 -10.61 7.50
N TYR A 258 -6.19 -9.44 8.08
CA TYR A 258 -7.24 -8.59 8.63
C TYR A 258 -8.30 -8.30 7.58
N ASP A 259 -7.86 -7.99 6.36
CA ASP A 259 -8.78 -7.58 5.29
C ASP A 259 -9.16 -8.69 4.31
N LYS A 260 -8.25 -9.64 4.08
CA LYS A 260 -8.45 -10.61 3.00
C LYS A 260 -8.76 -12.05 3.41
N GLN A 261 -8.85 -12.34 4.71
CA GLN A 261 -8.97 -13.74 5.12
C GLN A 261 -10.30 -14.39 4.69
N PHE A 262 -11.38 -13.64 4.79
CA PHE A 262 -12.69 -14.12 4.36
C PHE A 262 -12.67 -14.53 2.89
N LEU A 263 -12.11 -13.66 2.05
CA LEU A 263 -11.95 -13.95 0.63
C LEU A 263 -10.99 -15.13 0.38
N ARG A 264 -9.81 -15.09 1.01
CA ARG A 264 -8.83 -16.17 0.90
C ARG A 264 -9.45 -17.54 1.21
N ASP A 265 -10.21 -17.60 2.30
CA ASP A 265 -10.85 -18.83 2.76
C ASP A 265 -11.84 -19.38 1.74
N TRP A 266 -12.59 -18.49 1.10
CA TRP A 266 -13.52 -18.90 0.03
C TRP A 266 -12.79 -19.46 -1.20
N LEU A 267 -11.72 -18.78 -1.61
CA LEU A 267 -10.95 -19.18 -2.78
C LEU A 267 -10.32 -20.57 -2.61
N THR A 268 -9.64 -20.79 -1.48
CA THR A 268 -9.00 -22.06 -1.21
C THR A 268 -10.02 -23.20 -1.11
N ALA A 269 -11.14 -22.92 -0.44
CA ALA A 269 -12.22 -23.90 -0.28
C ALA A 269 -12.81 -24.35 -1.62
N ASN A 270 -12.58 -23.57 -2.67
CA ASN A 270 -13.12 -23.86 -3.99
C ASN A 270 -12.02 -24.13 -5.02
N LYS A 271 -10.78 -24.29 -4.53
CA LYS A 271 -9.59 -24.51 -5.37
C LYS A 271 -9.47 -23.43 -6.45
N LEU A 272 -9.73 -22.18 -6.07
CA LEU A 272 -9.69 -21.06 -7.00
C LEU A 272 -8.51 -20.13 -6.73
N ASN A 273 -7.68 -20.48 -5.75
CA ASN A 273 -6.48 -19.70 -5.46
C ASN A 273 -5.55 -19.60 -6.67
N GLY A 274 -5.25 -18.36 -7.06
CA GLY A 274 -4.35 -18.09 -8.19
C GLY A 274 -5.03 -18.11 -9.55
N VAL A 275 -6.33 -18.36 -9.55
CA VAL A 275 -7.13 -18.42 -10.79
C VAL A 275 -7.66 -17.04 -11.21
N ASN A 276 -7.43 -16.70 -12.48
CA ASN A 276 -7.92 -15.46 -13.07
C ASN A 276 -9.42 -15.51 -13.39
N GLY A 277 -10.06 -14.33 -13.42
CA GLY A 277 -11.47 -14.23 -13.80
C GLY A 277 -12.49 -14.72 -12.79
N VAL A 278 -12.11 -14.77 -11.51
CA VAL A 278 -13.00 -15.30 -10.48
C VAL A 278 -13.91 -14.20 -9.93
N LYS A 279 -15.22 -14.44 -10.01
CA LYS A 279 -16.19 -13.52 -9.44
C LYS A 279 -16.51 -13.92 -8.00
N MET A 280 -16.30 -13.00 -7.06
CA MET A 280 -16.62 -13.22 -5.66
C MET A 280 -18.14 -13.18 -5.46
N PRO A 281 -18.67 -14.09 -4.64
CA PRO A 281 -20.09 -14.04 -4.26
C PRO A 281 -20.37 -12.80 -3.42
N GLN A 282 -21.63 -12.39 -3.37
CA GLN A 282 -22.03 -11.17 -2.68
C GLN A 282 -21.66 -11.14 -1.19
N ASP A 283 -21.84 -12.27 -0.50
CA ASP A 283 -21.53 -12.34 0.93
CA ASP A 283 -21.53 -12.35 0.93
C ASP A 283 -20.04 -12.07 1.21
N ILE A 284 -19.19 -12.54 0.30
CA ILE A 284 -17.74 -12.31 0.38
C ILE A 284 -17.43 -10.84 0.13
N VAL A 285 -17.99 -10.27 -0.93
CA VAL A 285 -17.84 -8.85 -1.24
C VAL A 285 -18.26 -7.96 -0.06
N ASP A 286 -19.45 -8.22 0.48
CA ASP A 286 -20.03 -7.41 1.55
C ASP A 286 -19.19 -7.44 2.83
N ARG A 287 -18.74 -8.63 3.24
CA ARG A 287 -17.93 -8.81 4.44
C ARG A 287 -16.54 -8.20 4.27
N THR A 288 -15.95 -8.38 3.09
CA THR A 288 -14.64 -7.80 2.79
C THR A 288 -14.73 -6.26 2.83
N ARG A 289 -15.77 -5.70 2.22
CA ARG A 289 -16.01 -4.25 2.26
C ARG A 289 -16.11 -3.73 3.69
N ALA A 290 -16.90 -4.43 4.51
CA ALA A 290 -17.08 -4.09 5.92
C ALA A 290 -15.76 -4.09 6.68
N LYS A 291 -14.86 -5.00 6.28
CA LYS A 291 -13.54 -5.07 6.90
C LYS A 291 -12.67 -3.87 6.58
N TYR A 292 -12.73 -3.39 5.34
CA TYR A 292 -12.05 -2.15 4.94
C TYR A 292 -12.58 -0.93 5.69
N ILE A 293 -13.90 -0.81 5.79
CA ILE A 293 -14.52 0.29 6.57
C ILE A 293 -14.01 0.25 8.01
N GLU A 294 -14.02 -0.92 8.63
CA GLU A 294 -13.58 -1.06 10.03
C GLU A 294 -12.11 -0.67 10.22
N ALA A 295 -11.24 -1.09 9.30
CA ALA A 295 -9.81 -0.71 9.34
C ALA A 295 -9.64 0.81 9.21
N TYR A 296 -10.37 1.38 8.26
CA TYR A 296 -10.36 2.83 8.03
C TYR A 296 -10.81 3.59 9.29
N GLU A 297 -11.94 3.19 9.85
CA GLU A 297 -12.47 3.86 11.05
C GLU A 297 -11.58 3.70 12.27
N THR A 298 -11.02 2.50 12.44
CA THR A 298 -10.12 2.19 13.55
C THR A 298 -8.85 3.03 13.48
N LEU A 299 -8.26 3.12 12.27
CA LEU A 299 -6.97 3.79 12.13
C LEU A 299 -7.06 5.31 12.05
N THR A 300 -8.08 5.83 11.38
CA THR A 300 -8.17 7.29 11.19
C THR A 300 -8.94 8.02 12.29
N GLY A 301 -9.88 7.33 12.95
CA GLY A 301 -10.76 7.96 13.94
C GLY A 301 -11.98 8.63 13.30
N SER A 302 -12.03 8.60 11.98
CA SER A 302 -13.11 9.18 11.21
C SER A 302 -14.20 8.14 10.98
N LYS A 303 -15.43 8.62 10.77
CA LYS A 303 -16.55 7.75 10.51
C LYS A 303 -16.76 7.64 9.00
N TRP A 304 -16.91 6.42 8.51
CA TRP A 304 -17.39 6.21 7.17
C TRP A 304 -18.92 6.10 7.24
N SER A 305 -19.58 7.02 6.53
CA SER A 305 -21.05 7.03 6.39
C SER A 305 -21.82 7.65 7.57
N HIS A 306 -21.11 8.11 8.60
CA HIS A 306 -21.74 8.82 9.72
C HIS A 306 -20.82 9.84 10.39
N ASP B . 4.00 20.86 -1.13
CA ASP B . 5.34 20.47 -1.65
CA ASP B . 5.34 20.43 -1.63
C ASP B . 5.25 19.85 -3.04
O ASP B . 4.15 19.56 -3.52
CB ASP B . 6.02 19.49 -0.69
CB ASP B . 5.96 19.41 -0.69
CG ASP B . 6.18 20.06 0.72
CG ASP B . 6.42 20.03 0.61
OD1 ASP B . 5.76 21.21 0.96
OD1 ASP B . 7.43 20.78 0.60
OD2 ASP B . 6.72 19.35 1.58
OD2 ASP B . 5.79 19.77 1.66
OXT ASP B . 6.25 19.64 -3.72
OXT ASP B . 6.25 19.66 -3.73
N ASP C . 27.23 7.18 -2.57
CA ASP C . 26.50 6.51 -3.68
C ASP C . 27.39 5.66 -4.58
O ASP C . 27.66 4.50 -4.26
CB ASP C . 25.70 7.53 -4.51
CG ASP C . 24.27 7.68 -4.03
OD1 ASP C . 24.03 7.58 -2.81
OD2 ASP C . 23.36 7.90 -4.87
OXT ASP C . 27.85 6.10 -5.63
PA SSS D . 6.46 -10.88 1.21
O1A SSS D . 5.27 -11.66 0.71
O2A SSS D . 7.65 -10.95 0.27
O3A SSS D . 6.78 -11.10 2.65
O5' SSS D . 6.00 -9.35 1.14
C5' SSS D . 6.93 -8.27 1.19
C4' SSS D . 6.15 -6.96 1.23
O4' SSS D . 5.18 -6.99 0.18
C1' SSS D . 3.99 -6.32 0.62
N9 SSS D . 2.77 -6.85 -0.06
C4 SSS D . 2.47 -8.07 -0.51
O6 SSS D . 1.24 -10.21 -2.14
N3 SSS D . 3.28 -9.17 -0.36
C6 SSS D . 0.56 -9.29 -1.70
N6 SSS D . -0.77 -9.27 -1.73
C61 SSS D . -1.57 -10.36 -2.27
C62 SSS D . -1.79 -10.23 -3.76
C63 SSS D . -2.91 -10.25 -1.53
C64 SSS D . -3.04 -11.38 -0.53
O65 SSS D . -2.62 -10.97 -4.30
O66 SSS D . -1.13 -9.38 -4.41
O67 SSS D . -2.91 -11.10 0.69
O68 SSS D . -3.27 -12.54 -0.94
C5 SSS D . 1.23 -8.09 -1.11
N7 SSS D . 0.78 -6.82 -1.04
C8 SSS D . 1.73 -6.08 -0.41
C2' SSS D . 3.98 -6.36 2.14
O2' SSS D . 3.05 -7.27 2.74
C3' SSS D . 5.38 -6.76 2.53
O3' SSS D . 5.85 -5.67 3.28
S SO4 E . -3.95 -18.65 3.94
O1 SO4 E . -5.22 -19.26 4.30
O2 SO4 E . -3.99 -17.24 4.30
O3 SO4 E . -2.87 -19.30 4.70
O4 SO4 E . -3.68 -18.80 2.52
S SO4 F . -22.45 2.17 3.94
O1 SO4 F . -22.70 0.76 3.66
O2 SO4 F . -23.70 2.83 4.28
O3 SO4 F . -21.52 2.31 5.06
O4 SO4 F . -21.86 2.80 2.76
#